data_6ZVQ
#
_entry.id   6ZVQ
#
_cell.length_a   113.820
_cell.length_b   113.820
_cell.length_c   113.820
_cell.angle_alpha   90.000
_cell.angle_beta   90.000
_cell.angle_gamma   90.000
#
_symmetry.space_group_name_H-M   'I 21 3'
#
loop_
_entity.id
_entity.type
_entity.pdbx_description
1 polymer 'Mothers against decapentaplegic homolog 2'
2 polymer 'Ski oncogene'
3 non-polymer 'SULFATE ION'
4 non-polymer GLYCEROL
5 non-polymer 'D(-)-TARTARIC ACID'
6 water water
#
loop_
_entity_poly.entity_id
_entity_poly.type
_entity_poly.pdbx_seq_one_letter_code
_entity_poly.pdbx_strand_id
1 'polypeptide(L)'
;MDTGSPAELSPTTLSPVNHSLDLQPVTYSEPAFWCSIAYYELNQRVGETFHASQPSLTVDGFTDPSNSERFCLGLLSNVN
RNATVEMTRRHIGRGVRLYYIGGEVFAECLSDSAIFVQSPNCNQRYGWHPATVCKIPPGCNLKIFNNQEFAALLAQSVNQ
GFEAVYQLTRMCTIRMSFVKGWGAEYRRQTVTSTPCWIELHLNGPLQWLDKVLTQMGSPSVRCS(SEP)M(SEP)
;
A
2 'polypeptide(L)' FQPHPGLQKTLEQFHLSSMSSLGGPAAFSARWAQE B
#
# COMPACT_ATOMS: atom_id res chain seq x y z
N VAL A 26 19.84 13.79 -8.85
CA VAL A 26 18.90 13.82 -7.73
C VAL A 26 19.48 13.13 -6.51
N THR A 27 19.31 13.71 -5.33
CA THR A 27 19.72 13.08 -4.10
C THR A 27 18.51 12.80 -3.22
N TYR A 28 18.69 11.93 -2.23
CA TYR A 28 17.60 11.38 -1.44
C TYR A 28 17.93 11.44 0.04
N SER A 29 16.89 11.67 0.85
CA SER A 29 16.98 11.48 2.29
C SER A 29 16.00 10.39 2.70
N GLU A 30 16.40 9.57 3.66
CA GLU A 30 15.57 8.46 4.09
C GLU A 30 14.21 8.97 4.57
N PRO A 31 13.10 8.40 4.12
CA PRO A 31 11.80 8.84 4.63
C PRO A 31 11.70 8.64 6.13
N ALA A 32 11.17 9.65 6.82
CA ALA A 32 10.88 9.47 8.24
C ALA A 32 9.80 8.44 8.47
N PHE A 33 8.93 8.25 7.48
CA PHE A 33 7.76 7.38 7.60
C PHE A 33 7.84 6.28 6.55
N TRP A 34 7.73 5.02 6.99
CA TRP A 34 7.85 3.93 6.03
C TRP A 34 6.62 3.83 5.14
N CYS A 35 5.47 4.29 5.60
CA CYS A 35 4.28 4.29 4.76
C CYS A 35 3.38 5.44 5.17
N SER A 36 2.39 5.70 4.33
CA SER A 36 1.33 6.64 4.66
C SER A 36 0.00 5.99 4.33
N ILE A 37 -1.02 6.32 5.11
CA ILE A 37 -2.31 5.64 4.98
C ILE A 37 -3.42 6.68 4.88
N ALA A 38 -4.30 6.50 3.89
CA ALA A 38 -5.46 7.35 3.71
C ALA A 38 -6.72 6.51 3.89
N TYR A 39 -7.71 7.06 4.59
CA TYR A 39 -8.98 6.39 4.83
C TYR A 39 -10.07 6.95 3.91
N TYR A 40 -10.98 6.06 3.50
CA TYR A 40 -12.05 6.35 2.55
C TYR A 40 -13.35 5.70 3.00
N GLU A 41 -14.45 6.39 2.69
CA GLU A 41 -15.79 5.81 2.78
C GLU A 41 -16.41 5.91 1.40
N LEU A 42 -16.67 4.78 0.78
CA LEU A 42 -17.22 4.70 -0.58
C LEU A 42 -16.22 5.39 -1.50
N ASN A 43 -16.60 6.43 -2.23
CA ASN A 43 -15.70 7.13 -3.11
C ASN A 43 -15.17 8.42 -2.50
N GLN A 44 -15.38 8.63 -1.20
CA GLN A 44 -15.02 9.89 -0.56
C GLN A 44 -13.91 9.68 0.43
N ARG A 45 -12.88 10.49 0.32
CA ARG A 45 -11.78 10.49 1.25
C ARG A 45 -12.20 11.11 2.57
N VAL A 46 -11.80 10.50 3.68
CA VAL A 46 -12.25 10.96 5.00
C VAL A 46 -11.07 11.04 5.96
N GLY A 47 -10.89 12.21 6.57
CA GLY A 47 -9.86 12.38 7.57
C GLY A 47 -8.51 12.70 6.95
N GLU A 48 -7.53 12.94 7.81
CA GLU A 48 -6.18 13.27 7.38
C GLU A 48 -5.41 12.01 7.05
N THR A 49 -4.39 12.16 6.22
CA THR A 49 -3.46 11.07 5.94
C THR A 49 -2.66 10.71 7.20
N PHE A 50 -2.58 9.42 7.52
CA PHE A 50 -1.75 8.95 8.63
C PHE A 50 -0.36 8.61 8.13
N HIS A 51 0.66 9.14 8.80
CA HIS A 51 2.06 8.90 8.44
C HIS A 51 2.71 8.06 9.54
N ALA A 52 3.27 6.91 9.16
CA ALA A 52 3.69 5.89 10.12
C ALA A 52 5.20 5.96 10.34
N SER A 53 5.61 6.29 11.56
CA SER A 53 7.03 6.38 11.85
C SER A 53 7.60 5.12 12.48
N GLN A 54 6.76 4.29 13.20
CA GLN A 54 7.14 3.04 13.86
C GLN A 54 6.93 1.87 12.91
N PRO A 55 7.76 0.82 12.99
CA PRO A 55 7.64 -0.28 12.02
C PRO A 55 6.42 -1.18 12.21
N SER A 56 5.61 -0.96 13.23
CA SER A 56 4.36 -1.70 13.40
C SER A 56 3.27 -0.73 13.83
N LEU A 57 2.06 -0.95 13.33
CA LEU A 57 0.96 -0.04 13.61
C LEU A 57 -0.34 -0.79 13.41
N THR A 58 -1.40 -0.30 14.06
CA THR A 58 -2.73 -0.81 13.81
C THR A 58 -3.63 0.30 13.28
N VAL A 59 -4.48 -0.05 12.36
CA VAL A 59 -5.56 0.81 11.89
C VAL A 59 -6.82 0.24 12.50
N ASP A 60 -7.42 0.93 13.46
CA ASP A 60 -8.54 0.35 14.17
C ASP A 60 -9.72 1.31 14.20
N GLY A 61 -10.81 0.85 14.80
CA GLY A 61 -12.06 1.57 14.79
C GLY A 61 -12.29 2.35 16.07
N PHE A 62 -11.20 2.65 16.78
CA PHE A 62 -11.34 3.30 18.08
C PHE A 62 -10.98 4.78 17.99
N THR A 63 -10.56 5.39 19.10
CA THR A 63 -10.60 6.85 19.11
C THR A 63 -9.43 7.49 19.83
N ASP A 64 -8.24 6.87 19.82
CA ASP A 64 -7.11 7.57 20.40
C ASP A 64 -6.47 8.49 19.36
N PRO A 65 -6.52 9.81 19.59
CA PRO A 65 -6.05 10.74 18.57
C PRO A 65 -4.54 10.95 18.54
N SER A 66 -3.78 10.49 19.53
CA SER A 66 -2.37 10.86 19.62
C SER A 66 -1.49 9.66 19.95
N ASN A 67 -1.54 8.63 19.10
CA ASN A 67 -0.66 7.48 19.23
C ASN A 67 0.03 7.26 17.90
N SER A 68 1.35 7.32 17.88
CA SER A 68 2.08 7.14 16.62
C SER A 68 2.01 5.71 16.09
N GLU A 69 1.45 4.79 16.86
CA GLU A 69 1.28 3.41 16.45
C GLU A 69 -0.17 3.03 16.18
N ARG A 70 -1.12 3.97 16.26
CA ARG A 70 -2.52 3.67 16.04
C ARG A 70 -3.13 4.73 15.13
N PHE A 71 -3.65 4.31 13.99
CA PHE A 71 -4.48 5.14 13.12
C PHE A 71 -5.91 4.81 13.51
N CYS A 72 -6.53 5.69 14.30
CA CYS A 72 -7.84 5.41 14.90
C CYS A 72 -8.94 6.02 14.03
N LEU A 73 -9.74 5.17 13.41
CA LEU A 73 -10.75 5.63 12.47
C LEU A 73 -12.05 6.04 13.16
N GLY A 74 -12.28 5.61 14.40
CA GLY A 74 -13.55 5.85 15.04
C GLY A 74 -13.80 7.30 15.35
N LEU A 75 -12.76 8.12 15.40
CA LEU A 75 -12.92 9.53 15.71
C LEU A 75 -13.04 10.39 14.48
N LEU A 76 -13.01 9.81 13.28
CA LEU A 76 -13.13 10.61 12.07
C LEU A 76 -14.60 10.88 11.79
N SER A 77 -14.94 12.15 11.56
CA SER A 77 -16.30 12.54 11.27
C SER A 77 -16.55 12.56 9.77
N ASN A 78 -17.79 12.36 9.38
CA ASN A 78 -18.20 12.56 8.01
C ASN A 78 -19.69 12.89 8.04
N VAL A 79 -20.02 14.19 8.02
CA VAL A 79 -21.42 14.59 8.11
C VAL A 79 -22.24 13.95 7.01
N ASN A 80 -21.60 13.52 5.93
CA ASN A 80 -22.30 12.99 4.78
C ASN A 80 -22.56 11.48 4.85
N ARG A 81 -21.98 10.76 5.80
CA ARG A 81 -22.06 9.30 5.74
C ARG A 81 -23.45 8.80 6.12
N ASN A 82 -23.83 7.67 5.55
CA ASN A 82 -25.13 7.07 5.83
C ASN A 82 -24.98 5.81 6.69
N ALA A 83 -26.08 5.08 6.83
CA ALA A 83 -26.16 4.02 7.83
C ALA A 83 -25.28 2.82 7.50
N THR A 84 -25.11 2.48 6.23
CA THR A 84 -24.26 1.34 5.91
C THR A 84 -22.83 1.59 6.36
N VAL A 85 -22.32 2.79 6.12
CA VAL A 85 -20.96 3.10 6.53
C VAL A 85 -20.87 3.09 8.05
N GLU A 86 -21.85 3.70 8.71
CA GLU A 86 -21.84 3.74 10.16
C GLU A 86 -21.90 2.33 10.77
N MET A 87 -22.76 1.44 10.24
CA MET A 87 -22.79 0.13 10.92
C MET A 87 -21.47 -0.57 10.74
N THR A 88 -20.93 -0.51 9.52
CA THR A 88 -19.63 -1.10 9.23
C THR A 88 -18.55 -0.58 10.16
N ARG A 89 -18.48 0.75 10.34
CA ARG A 89 -17.45 1.31 11.20
C ARG A 89 -17.49 0.70 12.60
N ARG A 90 -18.68 0.41 13.10
CA ARG A 90 -18.81 -0.19 14.41
C ARG A 90 -18.23 -1.59 14.47
N HIS A 91 -17.98 -2.22 13.33
CA HIS A 91 -17.44 -3.57 13.29
C HIS A 91 -15.95 -3.64 12.93
N ILE A 92 -15.30 -2.50 12.70
CA ILE A 92 -13.87 -2.54 12.47
C ILE A 92 -13.15 -3.10 13.71
N GLY A 93 -13.45 -2.53 14.88
CA GLY A 93 -12.88 -3.04 16.11
C GLY A 93 -11.36 -2.89 16.11
N ARG A 94 -10.67 -3.98 16.46
CA ARG A 94 -9.22 -3.94 16.52
C ARG A 94 -8.59 -3.75 15.13
N GLY A 95 -9.33 -3.98 14.06
CA GLY A 95 -8.86 -3.55 12.76
C GLY A 95 -7.73 -4.42 12.23
N VAL A 96 -6.74 -3.77 11.66
CA VAL A 96 -5.68 -4.46 10.94
C VAL A 96 -4.35 -3.98 11.49
N ARG A 97 -3.42 -4.92 11.69
CA ARG A 97 -2.06 -4.60 12.09
C ARG A 97 -1.15 -4.70 10.89
N LEU A 98 -0.40 -3.64 10.64
CA LEU A 98 0.50 -3.58 9.49
C LEU A 98 1.92 -3.39 10.02
N TYR A 99 2.84 -4.23 9.56
CA TYR A 99 4.22 -4.17 10.00
C TYR A 99 5.10 -4.71 8.88
N TYR A 100 6.38 -4.37 8.92
CA TYR A 100 7.32 -4.95 7.98
C TYR A 100 8.46 -5.60 8.74
N ILE A 101 9.04 -6.63 8.11
CA ILE A 101 10.17 -7.39 8.60
C ILE A 101 11.14 -7.45 7.41
N GLY A 102 12.30 -6.83 7.57
CA GLY A 102 13.18 -6.70 6.42
C GLY A 102 12.46 -5.99 5.29
N GLY A 103 12.44 -6.61 4.12
CA GLY A 103 11.79 -5.99 2.98
C GLY A 103 10.41 -6.53 2.69
N GLU A 104 9.77 -7.11 3.71
CA GLU A 104 8.47 -7.72 3.57
C GLU A 104 7.45 -7.03 4.47
N VAL A 105 6.27 -6.74 3.93
CA VAL A 105 5.19 -6.07 4.65
C VAL A 105 4.05 -7.07 4.85
N PHE A 106 3.50 -7.10 6.06
CA PHE A 106 2.42 -8.01 6.43
C PHE A 106 1.21 -7.24 6.95
N ALA A 107 0.03 -7.83 6.77
CA ALA A 107 -1.22 -7.38 7.36
C ALA A 107 -1.82 -8.52 8.17
N GLU A 108 -2.19 -8.25 9.42
CA GLU A 108 -2.79 -9.24 10.31
C GLU A 108 -4.18 -8.75 10.70
N CYS A 109 -5.18 -9.62 10.52
CA CYS A 109 -6.56 -9.28 10.85
C CYS A 109 -6.76 -9.46 12.35
N LEU A 110 -6.77 -8.34 13.09
CA LEU A 110 -7.14 -8.35 14.50
C LEU A 110 -8.64 -8.21 14.71
N SER A 111 -9.38 -7.73 13.71
CA SER A 111 -10.81 -7.52 13.82
C SER A 111 -11.55 -8.84 13.98
N ASP A 112 -12.74 -8.79 14.61
CA ASP A 112 -13.63 -9.94 14.60
C ASP A 112 -14.20 -10.20 13.23
N SER A 113 -14.17 -9.20 12.35
CA SER A 113 -14.58 -9.36 10.97
C SER A 113 -13.35 -9.43 10.06
N ALA A 114 -13.53 -10.04 8.90
CA ALA A 114 -12.42 -10.17 7.97
C ALA A 114 -12.04 -8.83 7.36
N ILE A 115 -10.85 -8.78 6.75
CA ILE A 115 -10.42 -7.67 5.91
C ILE A 115 -10.06 -8.23 4.54
N PHE A 116 -10.17 -7.37 3.52
CA PHE A 116 -10.01 -7.78 2.14
C PHE A 116 -8.95 -6.92 1.48
N VAL A 117 -7.95 -7.55 0.89
CA VAL A 117 -6.73 -6.87 0.46
C VAL A 117 -6.58 -7.01 -1.03
N GLN A 118 -6.19 -5.92 -1.68
CA GLN A 118 -5.83 -5.88 -3.09
C GLN A 118 -4.40 -5.37 -3.18
N SER A 119 -3.46 -6.28 -3.38
CA SER A 119 -2.05 -5.93 -3.47
C SER A 119 -1.47 -6.51 -4.75
N PRO A 120 -1.26 -5.68 -5.78
CA PRO A 120 -0.66 -6.19 -7.03
C PRO A 120 0.60 -7.01 -6.78
N ASN A 121 1.48 -6.53 -5.89
CA ASN A 121 2.68 -7.30 -5.59
C ASN A 121 2.34 -8.69 -5.09
N CYS A 122 1.33 -8.79 -4.23
CA CYS A 122 0.91 -10.08 -3.73
C CYS A 122 0.32 -10.92 -4.85
N ASN A 123 -0.60 -10.34 -5.62
CA ASN A 123 -1.27 -11.08 -6.68
C ASN A 123 -0.26 -11.60 -7.72
N GLN A 124 0.72 -10.78 -8.11
CA GLN A 124 1.73 -11.26 -9.06
C GLN A 124 2.50 -12.44 -8.49
N ARG A 125 2.75 -12.44 -7.18
CA ARG A 125 3.48 -13.55 -6.57
C ARG A 125 2.78 -14.87 -6.80
N TYR A 126 1.46 -14.89 -6.74
CA TYR A 126 0.72 -16.13 -6.87
C TYR A 126 0.14 -16.31 -8.27
N GLY A 127 0.58 -15.49 -9.23
CA GLY A 127 0.09 -15.61 -10.59
C GLY A 127 -1.35 -15.19 -10.79
N TRP A 128 -1.91 -14.36 -9.91
CA TRP A 128 -3.28 -13.91 -10.04
C TRP A 128 -3.33 -12.61 -10.83
N HIS A 129 -4.49 -12.31 -11.35
CA HIS A 129 -4.73 -10.98 -11.89
C HIS A 129 -4.26 -9.96 -10.85
N PRO A 130 -3.67 -8.83 -11.25
CA PRO A 130 -3.22 -7.85 -10.26
C PRO A 130 -4.36 -7.09 -9.58
N ALA A 131 -5.60 -7.16 -10.09
CA ALA A 131 -6.73 -6.57 -9.39
C ALA A 131 -7.43 -7.56 -8.45
N THR A 132 -6.89 -8.76 -8.28
CA THR A 132 -7.48 -9.76 -7.42
C THR A 132 -7.54 -9.27 -5.98
N VAL A 133 -8.59 -9.68 -5.27
CA VAL A 133 -8.85 -9.26 -3.89
C VAL A 133 -8.76 -10.50 -3.00
N CYS A 134 -7.89 -10.45 -1.99
CA CYS A 134 -7.65 -11.58 -1.10
CA CYS A 134 -7.65 -11.58 -1.10
C CYS A 134 -8.32 -11.32 0.25
N LYS A 135 -8.92 -12.36 0.80
CA LYS A 135 -9.66 -12.24 2.05
C LYS A 135 -8.80 -12.75 3.19
N ILE A 136 -8.74 -11.97 4.26
CA ILE A 136 -7.97 -12.32 5.44
CA ILE A 136 -7.97 -12.31 5.44
C ILE A 136 -8.94 -12.49 6.61
N PRO A 137 -9.18 -13.74 7.03
CA PRO A 137 -10.11 -13.99 8.14
C PRO A 137 -9.50 -13.56 9.45
N PRO A 138 -10.30 -13.38 10.49
CA PRO A 138 -9.73 -12.97 11.78
C PRO A 138 -8.66 -13.94 12.25
N GLY A 139 -7.57 -13.38 12.79
CA GLY A 139 -6.49 -14.16 13.34
C GLY A 139 -5.41 -14.57 12.35
N CYS A 140 -5.58 -14.29 11.07
CA CYS A 140 -4.64 -14.66 10.03
C CYS A 140 -3.84 -13.45 9.56
N ASN A 141 -2.71 -13.71 8.93
CA ASN A 141 -1.93 -12.63 8.33
C ASN A 141 -1.57 -13.01 6.90
N LEU A 142 -1.17 -12.00 6.13
CA LEU A 142 -0.82 -12.20 4.73
C LEU A 142 0.32 -11.25 4.39
N LYS A 143 1.33 -11.77 3.70
CA LYS A 143 2.45 -10.98 3.23
C LYS A 143 1.98 -10.20 2.02
N ILE A 144 1.74 -8.90 2.19
CA ILE A 144 1.17 -8.09 1.11
C ILE A 144 2.23 -7.41 0.23
N PHE A 145 3.50 -7.45 0.61
CA PHE A 145 4.53 -6.85 -0.22
C PHE A 145 5.85 -7.56 0.03
N ASN A 146 6.58 -7.85 -1.04
CA ASN A 146 7.96 -8.32 -0.95
C ASN A 146 8.83 -7.41 -1.79
N ASN A 147 9.76 -6.72 -1.14
CA ASN A 147 10.54 -5.71 -1.86
C ASN A 147 11.42 -6.35 -2.93
N GLN A 148 11.95 -7.53 -2.66
CA GLN A 148 12.87 -8.15 -3.62
C GLN A 148 12.13 -8.47 -4.91
N GLU A 149 10.88 -8.92 -4.82
CA GLU A 149 10.09 -9.11 -6.04
C GLU A 149 9.84 -7.78 -6.73
N PHE A 150 9.67 -6.71 -5.96
CA PHE A 150 9.45 -5.40 -6.57
C PHE A 150 10.69 -4.93 -7.32
N ALA A 151 11.87 -5.06 -6.70
CA ALA A 151 13.11 -4.66 -7.36
C ALA A 151 13.29 -5.39 -8.70
N ALA A 152 12.95 -6.67 -8.73
CA ALA A 152 13.08 -7.42 -9.97
C ALA A 152 12.14 -6.88 -11.04
N LEU A 153 10.92 -6.55 -10.65
CA LEU A 153 9.97 -6.03 -11.63
C LEU A 153 10.41 -4.66 -12.10
N LEU A 154 10.92 -3.84 -11.19
CA LEU A 154 11.44 -2.53 -11.58
C LEU A 154 12.58 -2.68 -12.59
N ALA A 155 13.49 -3.61 -12.33
CA ALA A 155 14.60 -3.85 -13.25
C ALA A 155 14.10 -4.22 -14.65
N GLN A 156 13.07 -5.05 -14.74
CA GLN A 156 12.55 -5.43 -16.05
C GLN A 156 11.80 -4.29 -16.72
N SER A 157 11.15 -3.42 -15.93
CA SER A 157 10.31 -2.39 -16.53
C SER A 157 11.12 -1.38 -17.35
N VAL A 158 12.39 -1.14 -17.01
CA VAL A 158 13.12 -0.12 -17.76
C VAL A 158 13.18 -0.49 -19.25
N ASN A 159 13.24 -1.79 -19.56
CA ASN A 159 13.24 -2.21 -20.96
C ASN A 159 11.94 -1.91 -21.68
N GLN A 160 10.89 -1.56 -20.96
CA GLN A 160 9.57 -1.31 -21.54
C GLN A 160 9.26 0.17 -21.74
N GLY A 161 10.11 1.08 -21.28
CA GLY A 161 9.90 2.49 -21.51
C GLY A 161 9.32 3.21 -20.30
N PHE A 162 9.20 4.53 -20.46
CA PHE A 162 8.83 5.39 -19.34
C PHE A 162 7.48 5.01 -18.77
N GLU A 163 6.45 4.93 -19.61
CA GLU A 163 5.11 4.64 -19.12
C GLU A 163 5.07 3.32 -18.35
N ALA A 164 5.88 2.33 -18.73
CA ALA A 164 5.87 1.07 -18.00
C ALA A 164 6.44 1.24 -16.60
N VAL A 165 7.56 1.95 -16.48
CA VAL A 165 8.08 2.26 -15.16
C VAL A 165 7.08 3.11 -14.40
N TYR A 166 6.45 4.06 -15.07
CA TYR A 166 5.55 4.97 -14.37
C TYR A 166 4.41 4.21 -13.69
N GLN A 167 3.85 3.20 -14.36
CA GLN A 167 2.76 2.45 -13.74
C GLN A 167 3.16 1.68 -12.49
N LEU A 168 4.44 1.53 -12.20
CA LEU A 168 4.83 0.71 -11.06
C LEU A 168 4.47 1.34 -9.73
N THR A 169 4.02 2.59 -9.71
CA THR A 169 3.49 3.13 -8.46
C THR A 169 2.36 2.25 -7.92
N ARG A 170 1.63 1.58 -8.82
CA ARG A 170 0.54 0.73 -8.39
C ARG A 170 1.04 -0.45 -7.57
N MET A 171 2.28 -0.87 -7.82
CA MET A 171 2.93 -1.91 -7.02
C MET A 171 3.19 -1.44 -5.59
N CYS A 172 3.27 -0.14 -5.37
CA CYS A 172 3.58 0.44 -4.06
C CYS A 172 2.33 0.89 -3.32
N THR A 173 1.16 0.78 -3.93
CA THR A 173 -0.11 1.10 -3.29
C THR A 173 -0.88 -0.18 -3.05
N ILE A 174 -1.41 -0.31 -1.84
CA ILE A 174 -2.20 -1.48 -1.45
C ILE A 174 -3.50 -0.97 -0.86
N ARG A 175 -4.61 -1.56 -1.28
CA ARG A 175 -5.92 -1.15 -0.79
C ARG A 175 -6.56 -2.30 -0.02
N MET A 176 -7.28 -1.94 1.03
CA MET A 176 -7.82 -2.89 1.99
C MET A 176 -9.18 -2.39 2.44
N SER A 177 -10.16 -3.29 2.46
CA SER A 177 -11.51 -2.98 2.90
C SER A 177 -11.77 -3.71 4.21
N PHE A 178 -12.45 -3.04 5.15
CA PHE A 178 -12.89 -3.67 6.41
C PHE A 178 -14.26 -4.32 6.24
N VAL A 179 -14.38 -5.57 6.67
CA VAL A 179 -15.67 -6.23 6.84
C VAL A 179 -16.26 -6.68 5.51
N LYS A 180 -16.36 -5.78 4.53
CA LYS A 180 -17.02 -6.07 3.27
C LYS A 180 -16.02 -6.41 2.17
N GLY A 181 -16.31 -7.48 1.43
CA GLY A 181 -15.49 -7.86 0.31
C GLY A 181 -15.89 -7.19 -0.98
N TRP A 182 -15.06 -7.34 -1.99
CA TRP A 182 -15.41 -6.83 -3.32
C TRP A 182 -14.64 -7.63 -4.35
N GLY A 183 -15.11 -7.56 -5.58
CA GLY A 183 -14.50 -8.28 -6.66
C GLY A 183 -15.36 -9.43 -7.12
N ALA A 184 -14.71 -10.35 -7.85
CA ALA A 184 -15.46 -11.39 -8.54
C ALA A 184 -16.41 -12.13 -7.62
N GLU A 185 -15.94 -12.51 -6.43
CA GLU A 185 -16.73 -13.36 -5.55
C GLU A 185 -17.84 -12.62 -4.79
N TYR A 186 -18.02 -11.32 -5.02
CA TYR A 186 -18.93 -10.51 -4.21
C TYR A 186 -19.82 -9.66 -5.09
N ARG A 187 -20.85 -9.08 -4.47
CA ARG A 187 -21.75 -8.19 -5.20
C ARG A 187 -21.11 -6.83 -5.44
N ARG A 188 -20.36 -6.31 -4.47
CA ARG A 188 -19.58 -5.10 -4.70
C ARG A 188 -18.45 -5.39 -5.68
N GLN A 189 -18.32 -4.55 -6.71
CA GLN A 189 -17.37 -4.84 -7.77
C GLN A 189 -16.11 -4.00 -7.74
N THR A 190 -16.14 -2.82 -7.13
CA THR A 190 -14.99 -1.94 -7.03
C THR A 190 -14.76 -1.56 -5.58
N VAL A 191 -13.56 -1.09 -5.28
CA VAL A 191 -13.28 -0.75 -3.89
C VAL A 191 -14.08 0.47 -3.46
N THR A 192 -14.42 1.35 -4.39
CA THR A 192 -15.22 2.52 -4.06
C THR A 192 -16.65 2.17 -3.69
N SER A 193 -17.06 0.91 -3.82
CA SER A 193 -18.37 0.48 -3.37
CA SER A 193 -18.38 0.50 -3.36
C SER A 193 -18.34 -0.06 -1.94
N THR A 194 -17.13 -0.21 -1.33
CA THR A 194 -17.11 -0.71 0.03
C THR A 194 -17.22 0.44 1.03
N PRO A 195 -17.89 0.24 2.16
CA PRO A 195 -18.13 1.37 3.06
C PRO A 195 -16.88 1.93 3.71
N CYS A 196 -15.88 1.09 4.03
CA CYS A 196 -14.75 1.47 4.88
C CYS A 196 -13.48 0.85 4.32
N TRP A 197 -12.62 1.65 3.70
CA TRP A 197 -11.37 1.10 3.18
C TRP A 197 -10.23 2.10 3.31
N ILE A 198 -9.01 1.58 3.17
CA ILE A 198 -7.79 2.34 3.37
C ILE A 198 -6.85 2.09 2.20
N GLU A 199 -5.93 3.03 2.02
CA GLU A 199 -5.01 3.07 0.90
C GLU A 199 -3.62 3.27 1.48
N LEU A 200 -2.75 2.27 1.32
CA LEU A 200 -1.41 2.31 1.90
C LEU A 200 -0.40 2.61 0.80
N HIS A 201 0.52 3.55 1.07
CA HIS A 201 1.64 3.86 0.19
C HIS A 201 2.94 3.50 0.88
N LEU A 202 3.81 2.75 0.19
CA LEU A 202 5.09 2.32 0.72
C LEU A 202 6.19 3.27 0.25
N ASN A 203 6.79 4.02 1.18
CA ASN A 203 7.60 5.17 0.77
C ASN A 203 9.01 4.79 0.33
N GLY A 204 9.58 3.74 0.91
CA GLY A 204 10.90 3.28 0.51
C GLY A 204 10.93 2.84 -0.93
N PRO A 205 10.06 1.90 -1.30
CA PRO A 205 9.98 1.51 -2.71
C PRO A 205 9.65 2.65 -3.65
N LEU A 206 8.84 3.63 -3.22
CA LEU A 206 8.54 4.76 -4.08
C LEU A 206 9.78 5.59 -4.37
N GLN A 207 10.69 5.70 -3.41
CA GLN A 207 11.95 6.42 -3.63
C GLN A 207 12.84 5.72 -4.65
N TRP A 208 12.94 4.38 -4.57
CA TRP A 208 13.69 3.65 -5.59
C TRP A 208 13.04 3.80 -6.97
N LEU A 209 11.71 3.74 -7.03
CA LEU A 209 11.04 4.01 -8.28
C LEU A 209 11.41 5.41 -8.81
N ASP A 210 11.42 6.42 -7.93
CA ASP A 210 11.79 7.77 -8.35
C ASP A 210 13.20 7.80 -8.91
N LYS A 211 14.13 7.12 -8.25
CA LYS A 211 15.51 7.12 -8.73
C LYS A 211 15.59 6.59 -10.16
N VAL A 212 14.75 5.63 -10.50
CA VAL A 212 14.73 5.11 -11.86
C VAL A 212 13.97 6.06 -12.79
N LEU A 213 12.77 6.50 -12.39
CA LEU A 213 11.97 7.37 -13.26
C LEU A 213 12.73 8.61 -13.69
N THR A 214 13.46 9.23 -12.78
CA THR A 214 14.15 10.44 -13.18
C THR A 214 15.23 10.17 -14.25
N GLN A 215 15.53 8.91 -14.55
CA GLN A 215 16.50 8.58 -15.59
C GLN A 215 15.86 7.95 -16.82
N MET A 216 14.54 8.06 -16.99
CA MET A 216 13.84 7.36 -18.06
C MET A 216 13.42 8.26 -19.22
N GLY A 217 13.69 9.56 -19.16
CA GLY A 217 13.22 10.38 -20.25
C GLY A 217 11.73 10.66 -20.13
N SER A 218 11.13 11.03 -21.26
CA SER A 218 9.72 11.37 -21.34
C SER A 218 8.99 10.37 -22.20
N PRO A 219 7.66 10.29 -22.10
CA PRO A 219 6.91 9.40 -22.99
C PRO A 219 6.99 9.87 -24.43
N SER A 220 6.83 8.91 -25.34
CA SER A 220 7.03 9.18 -26.76
C SER A 220 5.82 9.86 -27.41
N VAL A 221 4.60 9.58 -26.94
CA VAL A 221 3.41 10.18 -27.55
C VAL A 221 3.27 11.61 -27.07
N ARG A 222 2.93 12.50 -28.01
CA ARG A 222 2.86 13.93 -27.73
C ARG A 222 1.47 14.30 -27.21
N CYS A 223 1.44 15.10 -26.13
CA CYS A 223 0.23 15.84 -25.73
C CYS A 223 0.26 17.24 -26.29
N SER A 224 -0.84 17.66 -26.90
CA SER A 224 -0.96 19.04 -27.30
C SER A 224 -1.54 19.81 -26.13
N MET A 226 -3.89 21.70 -26.42
CA MET A 226 -5.24 22.05 -26.87
C MET A 226 -6.23 20.90 -26.69
N PRO B 5 24.40 2.23 -17.76
CA PRO B 5 24.79 3.53 -17.22
C PRO B 5 24.52 3.65 -15.72
N GLY B 6 24.04 4.82 -15.29
CA GLY B 6 23.57 4.98 -13.93
C GLY B 6 22.32 4.18 -13.63
N LEU B 7 21.56 3.81 -14.67
CA LEU B 7 20.40 2.94 -14.47
C LEU B 7 20.83 1.56 -13.99
N GLN B 8 21.84 0.97 -14.64
CA GLN B 8 22.30 -0.36 -14.25
C GLN B 8 22.81 -0.36 -12.81
N LYS B 9 23.52 0.70 -12.39
CA LYS B 9 24.00 0.78 -11.02
C LYS B 9 22.85 0.91 -10.04
N THR B 10 21.86 1.76 -10.36
CA THR B 10 20.68 1.91 -9.52
C THR B 10 19.96 0.57 -9.31
N LEU B 11 19.74 -0.17 -10.40
CA LEU B 11 19.03 -1.44 -10.30
C LEU B 11 19.83 -2.46 -9.50
N GLU B 12 21.14 -2.57 -9.77
CA GLU B 12 22.00 -3.48 -9.01
C GLU B 12 21.94 -3.15 -7.52
N GLN B 13 22.07 -1.86 -7.20
CA GLN B 13 22.00 -1.42 -5.81
C GLN B 13 20.64 -1.73 -5.17
N PHE B 14 19.55 -1.54 -5.92
CA PHE B 14 18.24 -1.83 -5.34
C PHE B 14 18.03 -3.34 -5.21
N HIS B 15 18.47 -4.14 -6.18
CA HIS B 15 18.34 -5.59 -6.06
C HIS B 15 19.04 -6.10 -4.81
N LEU B 16 20.11 -5.43 -4.38
CA LEU B 16 20.84 -5.84 -3.18
C LEU B 16 20.19 -5.31 -1.91
N SER B 17 19.84 -4.02 -1.89
CA SER B 17 19.20 -3.42 -0.72
C SER B 17 17.89 -4.11 -0.39
N SER B 18 17.13 -4.52 -1.41
CA SER B 18 15.78 -5.03 -1.26
C SER B 18 15.72 -6.43 -0.68
N MET B 19 16.81 -7.20 -0.74
CA MET B 19 16.77 -8.56 -0.22
C MET B 19 16.49 -8.62 1.27
N SER B 20 16.78 -7.55 2.02
CA SER B 20 16.51 -7.57 3.45
C SER B 20 16.08 -6.22 4.03
N SER B 21 15.74 -5.24 3.21
CA SER B 21 15.39 -3.94 3.77
C SER B 21 14.31 -3.28 2.92
N LEU B 22 13.57 -2.39 3.57
CA LEU B 22 12.55 -1.56 2.95
C LEU B 22 13.01 -0.13 2.72
N GLY B 23 14.27 0.18 3.06
CA GLY B 23 14.75 1.55 2.97
C GLY B 23 15.02 2.01 1.54
N GLY B 24 15.11 3.33 1.39
CA GLY B 24 15.31 3.95 0.10
C GLY B 24 16.78 4.03 -0.26
N PRO B 25 17.11 4.84 -1.27
CA PRO B 25 18.52 4.93 -1.69
C PRO B 25 19.44 5.56 -0.65
N ALA B 26 18.94 6.47 0.20
CA ALA B 26 19.81 7.08 1.21
C ALA B 26 20.30 6.05 2.21
N ALA B 27 19.38 5.25 2.77
CA ALA B 27 19.76 4.22 3.74
C ALA B 27 20.81 3.27 3.16
N PHE B 28 20.59 2.81 1.91
CA PHE B 28 21.58 1.99 1.25
C PHE B 28 22.91 2.72 1.11
N SER B 29 22.88 3.93 0.55
CA SER B 29 24.10 4.73 0.39
C SER B 29 24.93 4.79 1.66
N ALA B 30 24.31 4.60 2.83
CA ALA B 30 25.03 4.60 4.09
C ALA B 30 25.18 3.18 4.65
N ARG B 31 25.71 2.27 3.84
CA ARG B 31 25.90 0.89 4.26
C ARG B 31 27.08 0.80 5.24
#